data_6B3U
#
_entry.id   6B3U
#
_entity_poly.entity_id   1
_entity_poly.type   'polypeptide(L)'
_entity_poly.pdbx_seq_one_letter_code
;NWLWYIRIFIIIVGSLIGLRIVFAVLSLVNRVRQGYSPLS
;
_entity_poly.pdbx_strand_id   A
#
# COMPACT_ATOMS: atom_id res chain seq x y z
N ASN A 1 -17.23 -24.34 -3.17
CA ASN A 1 -16.97 -24.58 -1.72
C ASN A 1 -15.53 -24.22 -1.39
N TRP A 2 -14.59 -24.98 -1.94
CA TRP A 2 -13.18 -24.72 -1.71
C TRP A 2 -12.75 -23.43 -2.41
N LEU A 3 -13.13 -23.31 -3.68
CA LEU A 3 -12.78 -22.12 -4.47
C LEU A 3 -13.20 -20.86 -3.72
N TRP A 4 -14.29 -20.95 -2.98
CA TRP A 4 -14.79 -19.80 -2.23
C TRP A 4 -13.72 -19.29 -1.27
N TYR A 5 -13.13 -20.20 -0.51
CA TYR A 5 -12.10 -19.82 0.45
C TYR A 5 -10.86 -19.30 -0.27
N ILE A 6 -10.56 -19.89 -1.43
CA ILE A 6 -9.40 -19.48 -2.21
C ILE A 6 -9.56 -18.04 -2.69
N ARG A 7 -10.77 -17.71 -3.15
CA ARG A 7 -11.04 -16.37 -3.63
C ARG A 7 -10.85 -15.34 -2.52
N ILE A 8 -11.38 -15.66 -1.34
CA ILE A 8 -11.26 -14.76 -0.20
C ILE A 8 -9.80 -14.49 0.11
N PHE A 9 -9.00 -15.55 0.18
CA PHE A 9 -7.58 -15.41 0.48
C PHE A 9 -6.90 -14.53 -0.57
N ILE A 10 -7.26 -14.73 -1.83
CA ILE A 10 -6.67 -13.94 -2.92
C ILE A 10 -7.00 -12.46 -2.73
N ILE A 11 -8.26 -12.17 -2.44
CA ILE A 11 -8.68 -10.79 -2.24
C ILE A 11 -7.96 -10.18 -1.04
N ILE A 12 -7.83 -10.96 0.02
CA ILE A 12 -7.15 -10.48 1.23
C ILE A 12 -5.72 -10.08 0.91
N VAL A 13 -5.03 -10.92 0.15
CA VAL A 13 -3.65 -10.63 -0.22
C VAL A 13 -3.57 -9.38 -1.08
N GLY A 14 -4.51 -9.24 -2.01
CA GLY A 14 -4.53 -8.08 -2.90
C GLY A 14 -4.71 -6.80 -2.10
N SER A 15 -5.56 -6.86 -1.08
CA SER A 15 -5.83 -5.69 -0.24
C SER A 15 -4.55 -5.26 0.48
N LEU A 16 -3.81 -6.23 1.00
CA LEU A 16 -2.58 -5.94 1.71
C LEU A 16 -1.57 -5.27 0.78
N ILE A 17 -1.45 -5.80 -0.43
CA ILE A 17 -0.52 -5.26 -1.41
C ILE A 17 -0.89 -3.81 -1.76
N GLY A 18 -2.19 -3.57 -1.93
CA GLY A 18 -2.66 -2.24 -2.26
C GLY A 18 -2.33 -1.25 -1.15
N LEU A 19 -2.63 -1.64 0.08
CA LEU A 19 -2.35 -0.78 1.23
C LEU A 19 -0.88 -0.36 1.25
N ARG A 20 0.00 -1.34 1.05
CA ARG A 20 1.43 -1.07 1.03
C ARG A 20 1.78 -0.06 -0.06
N ILE A 21 1.28 -0.30 -1.26
CA ILE A 21 1.54 0.60 -2.37
C ILE A 21 1.10 2.02 -2.06
N VAL A 22 -0.11 2.14 -1.50
CA VAL A 22 -0.65 3.45 -1.15
C VAL A 22 0.27 4.15 -0.15
N PHE A 23 0.71 3.41 0.87
CA PHE A 23 1.59 3.97 1.89
C PHE A 23 2.91 4.40 1.26
N ALA A 24 3.45 3.58 0.37
CA ALA A 24 4.71 3.90 -0.28
C ALA A 24 4.57 5.17 -1.12
N VAL A 25 3.45 5.28 -1.82
CA VAL A 25 3.21 6.45 -2.65
C VAL A 25 3.18 7.72 -1.81
N LEU A 26 2.52 7.65 -0.66
CA LEU A 26 2.44 8.80 0.23
C LEU A 26 3.82 9.17 0.77
N SER A 27 4.60 8.17 1.14
CA SER A 27 5.94 8.41 1.66
C SER A 27 6.79 9.16 0.63
N LEU A 28 6.68 8.73 -0.62
CA LEU A 28 7.44 9.37 -1.69
C LEU A 28 7.02 10.83 -1.87
N VAL A 29 5.72 11.08 -1.77
CA VAL A 29 5.20 12.43 -1.92
C VAL A 29 5.72 13.33 -0.80
N ASN A 30 5.70 12.82 0.42
CA ASN A 30 6.17 13.58 1.57
C ASN A 30 7.63 13.98 1.39
N ARG A 31 8.44 13.06 0.89
CA ARG A 31 9.85 13.33 0.66
C ARG A 31 10.03 14.42 -0.39
N VAL A 32 9.28 14.30 -1.49
CA VAL A 32 9.36 15.29 -2.57
C VAL A 32 8.97 16.67 -2.05
N ARG A 33 7.93 16.72 -1.24
CA ARG A 33 7.46 17.99 -0.69
C ARG A 33 8.44 18.53 0.33
N GLN A 34 9.04 17.64 1.11
CA GLN A 34 10.00 18.04 2.12
C GLN A 34 9.39 19.08 3.06
N GLY A 35 8.10 18.94 3.34
CA GLY A 35 7.42 19.86 4.24
C GLY A 35 8.05 19.79 5.63
N TYR A 36 8.40 18.58 6.05
CA TYR A 36 9.01 18.38 7.36
C TYR A 36 9.98 17.20 7.30
N SER A 37 10.90 17.15 8.26
CA SER A 37 11.89 16.08 8.30
C SER A 37 11.27 14.81 8.92
N PRO A 38 11.28 13.68 8.24
CA PRO A 38 10.70 12.41 8.80
C PRO A 38 11.38 12.00 10.11
N LEU A 39 10.60 11.42 11.02
CA LEU A 39 11.14 10.98 12.30
C LEU A 39 12.20 9.91 12.07
N SER A 40 11.95 9.02 11.11
CA SER A 40 12.89 7.95 10.80
C SER A 40 13.60 8.23 9.48
N ASN A 1 -16.29 -24.53 -2.22
CA ASN A 1 -15.64 -24.58 -0.87
C ASN A 1 -14.15 -24.27 -1.02
N TRP A 2 -13.46 -25.08 -1.81
CA TRP A 2 -12.03 -24.87 -2.04
C TRP A 2 -11.80 -23.59 -2.82
N LEU A 3 -12.65 -23.34 -3.81
CA LEU A 3 -12.53 -22.14 -4.64
C LEU A 3 -12.99 -20.91 -3.85
N TRP A 4 -14.08 -21.06 -3.13
CA TRP A 4 -14.63 -19.95 -2.35
C TRP A 4 -13.56 -19.40 -1.40
N TYR A 5 -12.92 -20.30 -0.66
CA TYR A 5 -11.88 -19.89 0.28
C TYR A 5 -10.66 -19.35 -0.47
N ILE A 6 -10.40 -19.91 -1.64
CA ILE A 6 -9.26 -19.47 -2.45
C ILE A 6 -9.46 -18.03 -2.90
N ARG A 7 -10.67 -17.70 -3.31
CA ARG A 7 -10.99 -16.35 -3.77
C ARG A 7 -10.80 -15.35 -2.63
N ILE A 8 -11.32 -15.70 -1.45
CA ILE A 8 -11.20 -14.82 -0.29
C ILE A 8 -9.74 -14.54 0.02
N PHE A 9 -8.93 -15.59 0.04
CA PHE A 9 -7.50 -15.44 0.32
C PHE A 9 -6.86 -14.50 -0.68
N ILE A 10 -7.23 -14.64 -1.95
CA ILE A 10 -6.67 -13.79 -3.00
C ILE A 10 -7.02 -12.33 -2.74
N ILE A 11 -8.28 -12.08 -2.41
CA ILE A 11 -8.74 -10.72 -2.14
C ILE A 11 -8.00 -10.15 -0.92
N ILE A 12 -7.81 -10.97 0.09
CA ILE A 12 -7.11 -10.54 1.30
C ILE A 12 -5.70 -10.09 0.97
N VAL A 13 -5.00 -10.88 0.17
CA VAL A 13 -3.63 -10.55 -0.23
C VAL A 13 -3.60 -9.26 -1.04
N GLY A 14 -4.58 -9.11 -1.93
CA GLY A 14 -4.65 -7.92 -2.77
C GLY A 14 -4.86 -6.67 -1.92
N SER A 15 -5.72 -6.79 -0.91
CA SER A 15 -6.01 -5.66 -0.04
C SER A 15 -4.74 -5.20 0.68
N LEU A 16 -3.96 -6.17 1.16
CA LEU A 16 -2.72 -5.86 1.87
C LEU A 16 -1.73 -5.19 0.92
N ILE A 17 -1.63 -5.71 -0.30
CA ILE A 17 -0.71 -5.16 -1.29
C ILE A 17 -1.09 -3.72 -1.62
N GLY A 18 -2.38 -3.46 -1.77
CA GLY A 18 -2.86 -2.12 -2.09
C GLY A 18 -2.49 -1.15 -0.98
N LEU A 19 -2.79 -1.53 0.26
CA LEU A 19 -2.48 -0.68 1.40
C LEU A 19 -1.00 -0.31 1.41
N ARG A 20 -0.14 -1.30 1.22
CA ARG A 20 1.30 -1.06 1.21
C ARG A 20 1.66 -0.03 0.13
N ILE A 21 1.14 -0.23 -1.07
CA ILE A 21 1.41 0.68 -2.17
C ILE A 21 0.97 2.10 -1.81
N VAL A 22 -0.24 2.22 -1.27
CA VAL A 22 -0.77 3.52 -0.88
C VAL A 22 0.17 4.21 0.08
N PHE A 23 0.63 3.49 1.09
CA PHE A 23 1.54 4.05 2.08
C PHE A 23 2.86 4.46 1.42
N ALA A 24 3.34 3.61 0.52
CA ALA A 24 4.60 3.90 -0.17
C ALA A 24 4.46 5.17 -1.02
N VAL A 25 3.32 5.32 -1.67
CA VAL A 25 3.07 6.49 -2.50
C VAL A 25 3.11 7.76 -1.66
N LEU A 26 2.48 7.70 -0.49
CA LEU A 26 2.44 8.86 0.41
C LEU A 26 3.84 9.21 0.87
N SER A 27 4.62 8.19 1.22
CA SER A 27 5.99 8.42 1.69
C SER A 27 6.82 9.10 0.62
N LEU A 28 6.65 8.65 -0.63
CA LEU A 28 7.40 9.23 -1.74
C LEU A 28 7.01 10.69 -1.95
N VAL A 29 5.71 10.98 -1.84
CA VAL A 29 5.23 12.34 -2.02
C VAL A 29 5.82 13.27 -0.96
N ASN A 30 5.81 12.80 0.29
CA ASN A 30 6.35 13.59 1.39
C ASN A 30 7.82 13.92 1.15
N ARG A 31 8.57 12.94 0.67
CA ARG A 31 9.99 13.13 0.39
C ARG A 31 10.19 14.18 -0.69
N VAL A 32 9.42 14.07 -1.77
CA VAL A 32 9.52 15.02 -2.87
C VAL A 32 9.16 16.42 -2.40
N ARG A 33 8.10 16.52 -1.59
CA ARG A 33 7.65 17.80 -1.08
C ARG A 33 8.68 18.39 -0.11
N GLN A 34 9.34 17.50 0.63
CA GLN A 34 10.35 17.94 1.60
C GLN A 34 11.27 16.78 1.97
N GLY A 35 12.43 16.71 1.35
CA GLY A 35 13.38 15.64 1.62
C GLY A 35 13.84 15.69 3.09
N TYR A 36 14.09 16.90 3.59
CA TYR A 36 14.55 17.07 4.96
C TYR A 36 13.43 16.70 5.95
N SER A 37 13.77 15.88 6.94
CA SER A 37 12.78 15.46 7.94
C SER A 37 13.40 15.43 9.34
N PRO A 38 12.59 15.47 10.36
CA PRO A 38 13.07 15.44 11.78
C PRO A 38 13.89 14.19 12.09
N LEU A 39 14.89 14.33 12.95
CA LEU A 39 15.73 13.20 13.34
C LEU A 39 15.42 12.78 14.77
N SER A 40 15.04 11.52 14.93
CA SER A 40 14.72 11.00 16.25
C SER A 40 15.97 10.43 16.93
N ASN A 1 -16.85 -24.87 -3.97
CA ASN A 1 -16.86 -25.03 -2.48
C ASN A 1 -15.56 -24.49 -1.90
N TRP A 2 -14.44 -25.12 -2.24
CA TRP A 2 -13.14 -24.67 -1.77
C TRP A 2 -12.74 -23.37 -2.45
N LEU A 3 -13.11 -23.23 -3.72
CA LEU A 3 -12.80 -22.03 -4.48
C LEU A 3 -13.23 -20.78 -3.72
N TRP A 4 -14.32 -20.90 -2.97
CA TRP A 4 -14.84 -19.77 -2.20
C TRP A 4 -13.77 -19.27 -1.23
N TYR A 5 -13.16 -20.19 -0.49
CA TYR A 5 -12.13 -19.82 0.47
C TYR A 5 -10.89 -19.29 -0.25
N ILE A 6 -10.57 -19.88 -1.39
CA ILE A 6 -9.42 -19.45 -2.16
C ILE A 6 -9.58 -18.01 -2.63
N ARG A 7 -10.78 -17.67 -3.09
CA ARG A 7 -11.05 -16.32 -3.56
C ARG A 7 -10.85 -15.31 -2.44
N ILE A 8 -11.36 -15.63 -1.25
CA ILE A 8 -11.23 -14.75 -0.11
C ILE A 8 -9.76 -14.48 0.18
N PHE A 9 -8.96 -15.53 0.24
CA PHE A 9 -7.54 -15.40 0.50
C PHE A 9 -6.87 -14.51 -0.54
N ILE A 10 -7.27 -14.70 -1.80
CA ILE A 10 -6.70 -13.90 -2.88
C ILE A 10 -7.00 -12.42 -2.68
N ILE A 11 -8.26 -12.12 -2.36
CA ILE A 11 -8.66 -10.73 -2.14
C ILE A 11 -7.89 -10.13 -0.97
N ILE A 12 -7.72 -10.92 0.09
CA ILE A 12 -7.00 -10.45 1.27
C ILE A 12 -5.57 -10.06 0.90
N VAL A 13 -4.90 -10.91 0.13
CA VAL A 13 -3.53 -10.65 -0.29
C VAL A 13 -3.46 -9.39 -1.15
N GLY A 14 -4.41 -9.26 -2.07
CA GLY A 14 -4.45 -8.10 -2.96
C GLY A 14 -4.66 -6.82 -2.15
N SER A 15 -5.54 -6.90 -1.16
CA SER A 15 -5.83 -5.74 -0.32
C SER A 15 -4.57 -5.29 0.42
N LEU A 16 -3.82 -6.26 0.93
CA LEU A 16 -2.58 -5.94 1.66
C LEU A 16 -1.58 -5.27 0.75
N ILE A 17 -1.42 -5.81 -0.46
CA ILE A 17 -0.48 -5.27 -1.42
C ILE A 17 -0.85 -3.83 -1.78
N GLY A 18 -2.15 -3.59 -1.97
CA GLY A 18 -2.63 -2.27 -2.31
C GLY A 18 -2.30 -1.27 -1.20
N LEU A 19 -2.63 -1.64 0.04
CA LEU A 19 -2.36 -0.77 1.17
C LEU A 19 -0.89 -0.36 1.21
N ARG A 20 0.00 -1.33 1.01
CA ARG A 20 1.43 -1.07 1.01
C ARG A 20 1.79 -0.07 -0.07
N ILE A 21 1.29 -0.30 -1.29
CA ILE A 21 1.56 0.58 -2.41
C ILE A 21 1.12 2.01 -2.09
N VAL A 22 -0.09 2.14 -1.56
CA VAL A 22 -0.63 3.44 -1.21
C VAL A 22 0.27 4.14 -0.20
N PHE A 23 0.73 3.38 0.80
CA PHE A 23 1.59 3.93 1.83
C PHE A 23 2.91 4.39 1.22
N ALA A 24 3.47 3.58 0.33
CA ALA A 24 4.73 3.92 -0.31
C ALA A 24 4.59 5.20 -1.13
N VAL A 25 3.48 5.31 -1.84
CA VAL A 25 3.23 6.50 -2.66
C VAL A 25 3.19 7.75 -1.78
N LEU A 26 2.52 7.65 -0.65
CA LEU A 26 2.41 8.78 0.27
C LEU A 26 3.78 9.17 0.82
N SER A 27 4.57 8.16 1.18
CA SER A 27 5.90 8.40 1.72
C SER A 27 6.77 9.13 0.68
N LEU A 28 6.66 8.69 -0.57
CA LEU A 28 7.44 9.31 -1.65
C LEU A 28 7.02 10.76 -1.84
N VAL A 29 5.72 11.02 -1.79
CA VAL A 29 5.21 12.37 -1.96
C VAL A 29 5.69 13.28 -0.84
N ASN A 30 5.65 12.76 0.39
CA ASN A 30 6.07 13.53 1.54
C ASN A 30 7.53 13.95 1.40
N ARG A 31 8.36 13.03 0.92
CA ARG A 31 9.78 13.30 0.72
C ARG A 31 9.98 14.40 -0.32
N VAL A 32 9.26 14.29 -1.43
CA VAL A 32 9.38 15.27 -2.50
C VAL A 32 8.95 16.65 -2.00
N ARG A 33 7.87 16.68 -1.22
CA ARG A 33 7.38 17.95 -0.69
C ARG A 33 8.39 18.55 0.29
N GLN A 34 9.13 17.69 0.98
CA GLN A 34 10.13 18.16 1.94
C GLN A 34 9.49 19.12 2.95
N GLY A 35 8.54 18.60 3.69
CA GLY A 35 7.83 19.37 4.71
C GLY A 35 7.25 18.44 5.77
N TYR A 36 6.63 18.99 6.80
CA TYR A 36 6.07 18.16 7.86
C TYR A 36 7.17 17.25 8.42
N SER A 37 8.36 17.82 8.54
CA SER A 37 9.52 17.08 9.02
C SER A 37 9.35 16.49 10.43
N PRO A 38 8.82 17.22 11.40
CA PRO A 38 8.66 16.69 12.80
C PRO A 38 7.85 15.39 12.89
N LEU A 39 8.34 14.47 13.72
CA LEU A 39 7.70 13.17 13.94
C LEU A 39 7.19 12.59 12.62
N SER A 40 8.10 12.42 11.66
CA SER A 40 7.72 11.88 10.37
C SER A 40 8.22 10.44 10.22
N ASN A 1 -16.35 -25.68 -0.54
CA ASN A 1 -15.93 -24.30 -0.21
C ASN A 1 -14.42 -24.17 -0.39
N TRP A 2 -13.87 -24.98 -1.29
CA TRP A 2 -12.44 -24.91 -1.59
C TRP A 2 -12.12 -23.70 -2.45
N LEU A 3 -13.01 -23.40 -3.39
CA LEU A 3 -12.81 -22.26 -4.27
C LEU A 3 -13.21 -20.96 -3.57
N TRP A 4 -14.32 -21.01 -2.82
CA TRP A 4 -14.79 -19.83 -2.10
C TRP A 4 -13.69 -19.28 -1.20
N TYR A 5 -13.07 -20.16 -0.42
CA TYR A 5 -12.00 -19.74 0.49
C TYR A 5 -10.78 -19.29 -0.30
N ILE A 6 -10.56 -19.91 -1.46
CA ILE A 6 -9.41 -19.56 -2.29
C ILE A 6 -9.55 -18.11 -2.80
N ARG A 7 -10.75 -17.75 -3.23
CA ARG A 7 -11.00 -16.41 -3.73
C ARG A 7 -10.77 -15.37 -2.63
N ILE A 8 -11.30 -15.66 -1.44
CA ILE A 8 -11.13 -14.75 -0.32
C ILE A 8 -9.66 -14.50 -0.04
N PHE A 9 -8.88 -15.58 0.02
CA PHE A 9 -7.45 -15.46 0.28
C PHE A 9 -6.79 -14.54 -0.74
N ILE A 10 -7.16 -14.71 -2.01
CA ILE A 10 -6.59 -13.88 -3.07
C ILE A 10 -6.92 -12.42 -2.84
N ILE A 11 -8.18 -12.14 -2.52
CA ILE A 11 -8.62 -10.77 -2.27
C ILE A 11 -7.86 -10.17 -1.09
N ILE A 12 -7.72 -10.96 -0.02
CA ILE A 12 -7.01 -10.50 1.16
C ILE A 12 -5.59 -10.07 0.81
N VAL A 13 -4.92 -10.87 0.00
CA VAL A 13 -3.55 -10.57 -0.40
C VAL A 13 -3.51 -9.27 -1.21
N GLY A 14 -4.41 -9.15 -2.18
CA GLY A 14 -4.45 -7.95 -3.01
C GLY A 14 -4.73 -6.72 -2.15
N SER A 15 -5.61 -6.85 -1.17
CA SER A 15 -5.94 -5.75 -0.28
C SER A 15 -4.71 -5.29 0.48
N LEU A 16 -3.92 -6.24 0.97
CA LEU A 16 -2.72 -5.92 1.71
C LEU A 16 -1.69 -5.23 0.81
N ILE A 17 -1.55 -5.76 -0.41
CA ILE A 17 -0.60 -5.19 -1.36
C ILE A 17 -0.97 -3.75 -1.70
N GLY A 18 -2.27 -3.50 -1.87
CA GLY A 18 -2.75 -2.16 -2.19
C GLY A 18 -2.45 -1.20 -1.04
N LEU A 19 -2.78 -1.62 0.17
CA LEU A 19 -2.55 -0.79 1.35
C LEU A 19 -1.09 -0.35 1.42
N ARG A 20 -0.19 -1.31 1.21
CA ARG A 20 1.24 -1.02 1.26
C ARG A 20 1.62 -0.02 0.16
N ILE A 21 1.12 -0.26 -1.05
CA ILE A 21 1.42 0.63 -2.17
C ILE A 21 0.99 2.06 -1.85
N VAL A 22 -0.21 2.20 -1.30
CA VAL A 22 -0.73 3.52 -0.96
C VAL A 22 0.21 4.23 0.01
N PHE A 23 0.67 3.49 1.02
CA PHE A 23 1.58 4.05 2.02
C PHE A 23 2.88 4.47 1.36
N ALA A 24 3.38 3.64 0.45
CA ALA A 24 4.63 3.94 -0.24
C ALA A 24 4.50 5.22 -1.06
N VAL A 25 3.36 5.37 -1.73
CA VAL A 25 3.11 6.55 -2.55
C VAL A 25 3.12 7.81 -1.69
N LEU A 26 2.46 7.73 -0.53
CA LEU A 26 2.39 8.86 0.38
C LEU A 26 3.78 9.24 0.87
N SER A 27 4.57 8.22 1.23
CA SER A 27 5.92 8.45 1.72
C SER A 27 6.77 9.13 0.65
N LEU A 28 6.61 8.69 -0.59
CA LEU A 28 7.37 9.27 -1.70
C LEU A 28 7.00 10.73 -1.90
N VAL A 29 5.70 11.03 -1.82
CA VAL A 29 5.24 12.40 -2.01
C VAL A 29 5.80 13.30 -0.90
N ASN A 30 5.79 12.80 0.33
CA ASN A 30 6.28 13.56 1.46
C ASN A 30 7.76 13.92 1.26
N ARG A 31 8.53 12.96 0.77
CA ARG A 31 9.95 13.17 0.54
C ARG A 31 10.16 14.24 -0.52
N VAL A 32 9.40 14.16 -1.61
CA VAL A 32 9.51 15.13 -2.69
C VAL A 32 9.13 16.53 -2.20
N ARG A 33 8.06 16.60 -1.40
CA ARG A 33 7.61 17.87 -0.87
C ARG A 33 8.66 18.47 0.07
N GLN A 34 9.32 17.60 0.83
CA GLN A 34 10.34 18.05 1.77
C GLN A 34 9.77 19.11 2.70
N GLY A 35 9.13 18.65 3.78
CA GLY A 35 8.55 19.55 4.76
C GLY A 35 7.50 20.47 4.14
N TYR A 36 7.60 21.76 4.45
CA TYR A 36 6.65 22.73 3.93
C TYR A 36 7.32 23.66 2.91
N SER A 37 8.42 23.21 2.33
CA SER A 37 9.12 24.03 1.34
C SER A 37 9.35 23.24 0.05
N PRO A 38 8.31 23.06 -0.71
CA PRO A 38 8.37 22.33 -2.01
C PRO A 38 8.77 23.25 -3.17
N LEU A 39 9.96 23.82 -3.09
CA LEU A 39 10.44 24.72 -4.13
C LEU A 39 11.42 24.00 -5.05
N SER A 40 11.30 24.27 -6.35
CA SER A 40 12.18 23.63 -7.33
C SER A 40 13.03 24.68 -8.04
N ASN A 1 -16.31 -25.40 -2.69
CA ASN A 1 -16.00 -24.74 -1.40
C ASN A 1 -14.55 -24.25 -1.40
N TRP A 2 -13.65 -25.13 -1.82
CA TRP A 2 -12.23 -24.79 -1.84
C TRP A 2 -11.99 -23.53 -2.67
N LEU A 3 -12.82 -23.33 -3.68
CA LEU A 3 -12.69 -22.16 -4.54
C LEU A 3 -13.12 -20.90 -3.78
N TRP A 4 -14.23 -21.00 -3.05
CA TRP A 4 -14.74 -19.87 -2.29
C TRP A 4 -13.67 -19.34 -1.34
N TYR A 5 -13.01 -20.25 -0.64
CA TYR A 5 -11.96 -19.87 0.31
C TYR A 5 -10.74 -19.34 -0.44
N ILE A 6 -10.47 -19.90 -1.61
CA ILE A 6 -9.32 -19.47 -2.40
C ILE A 6 -9.49 -18.02 -2.84
N ARG A 7 -10.70 -17.67 -3.27
CA ARG A 7 -10.99 -16.31 -3.70
C ARG A 7 -10.81 -15.33 -2.56
N ILE A 8 -11.33 -15.68 -1.39
CA ILE A 8 -11.22 -14.81 -0.22
C ILE A 8 -9.76 -14.54 0.10
N PHE A 9 -8.95 -15.60 0.13
CA PHE A 9 -7.53 -15.46 0.43
C PHE A 9 -6.86 -14.55 -0.59
N ILE A 10 -7.22 -14.71 -1.86
CA ILE A 10 -6.65 -13.89 -2.91
C ILE A 10 -6.99 -12.43 -2.70
N ILE A 11 -8.24 -12.15 -2.38
CA ILE A 11 -8.69 -10.78 -2.15
C ILE A 11 -7.92 -10.16 -0.99
N ILE A 12 -7.75 -10.94 0.09
CA ILE A 12 -7.04 -10.45 1.26
C ILE A 12 -5.62 -10.03 0.88
N VAL A 13 -4.95 -10.85 0.09
CA VAL A 13 -3.59 -10.55 -0.33
C VAL A 13 -3.55 -9.27 -1.15
N GLY A 14 -4.51 -9.10 -2.04
CA GLY A 14 -4.58 -7.91 -2.87
C GLY A 14 -4.80 -6.66 -2.01
N SER A 15 -5.65 -6.79 -1.00
CA SER A 15 -5.93 -5.67 -0.11
C SER A 15 -4.66 -5.21 0.60
N LEU A 16 -3.91 -6.17 1.13
CA LEU A 16 -2.67 -5.85 1.82
C LEU A 16 -1.67 -5.20 0.88
N ILE A 17 -1.57 -5.75 -0.33
CA ILE A 17 -0.65 -5.21 -1.33
C ILE A 17 -1.00 -3.77 -1.66
N GLY A 18 -2.29 -3.51 -1.84
CA GLY A 18 -2.76 -2.17 -2.17
C GLY A 18 -2.46 -1.20 -1.03
N LEU A 19 -2.77 -1.61 0.20
CA LEU A 19 -2.52 -0.77 1.36
C LEU A 19 -1.05 -0.36 1.42
N ARG A 20 -0.17 -1.32 1.22
CA ARG A 20 1.27 -1.05 1.26
C ARG A 20 1.65 -0.06 0.16
N ILE A 21 1.14 -0.30 -1.05
CA ILE A 21 1.44 0.58 -2.18
C ILE A 21 1.02 2.01 -1.86
N VAL A 22 -0.18 2.17 -1.33
CA VAL A 22 -0.70 3.49 -0.99
C VAL A 22 0.24 4.19 -0.01
N PHE A 23 0.73 3.45 0.97
CA PHE A 23 1.63 4.01 1.96
C PHE A 23 2.93 4.45 1.30
N ALA A 24 3.44 3.63 0.40
CA ALA A 24 4.68 3.94 -0.30
C ALA A 24 4.52 5.22 -1.11
N VAL A 25 3.39 5.35 -1.79
CA VAL A 25 3.13 6.53 -2.60
C VAL A 25 3.14 7.79 -1.74
N LEU A 26 2.48 7.71 -0.59
CA LEU A 26 2.42 8.85 0.33
C LEU A 26 3.81 9.21 0.82
N SER A 27 4.60 8.19 1.18
CA SER A 27 5.95 8.42 1.67
C SER A 27 6.80 9.10 0.61
N LEU A 28 6.66 8.65 -0.64
CA LEU A 28 7.41 9.21 -1.74
C LEU A 28 7.04 10.68 -1.95
N VAL A 29 5.74 10.97 -1.88
CA VAL A 29 5.28 12.34 -2.06
C VAL A 29 5.79 13.24 -0.95
N ASN A 30 5.76 12.73 0.29
CA ASN A 30 6.22 13.50 1.42
C ASN A 30 7.69 13.89 1.25
N ARG A 31 8.50 12.96 0.75
CA ARG A 31 9.91 13.22 0.54
C ARG A 31 10.11 14.29 -0.53
N VAL A 32 9.34 14.19 -1.62
CA VAL A 32 9.45 15.15 -2.70
C VAL A 32 9.08 16.55 -2.21
N ARG A 33 8.01 16.64 -1.42
CA ARG A 33 7.56 17.92 -0.88
C ARG A 33 8.65 18.52 0.01
N GLN A 34 9.32 17.68 0.77
CA GLN A 34 10.38 18.14 1.66
C GLN A 34 11.59 18.61 0.87
N GLY A 35 12.16 19.75 1.25
CA GLY A 35 13.30 20.30 0.55
C GLY A 35 12.90 20.72 -0.86
N TYR A 36 13.90 21.07 -1.68
CA TYR A 36 13.68 21.47 -3.06
C TYR A 36 12.66 22.61 -3.17
N SER A 37 11.37 22.27 -3.26
CA SER A 37 10.32 23.28 -3.38
C SER A 37 10.63 24.26 -4.50
N PRO A 38 10.62 23.82 -5.73
CA PRO A 38 10.91 24.69 -6.92
C PRO A 38 9.94 25.86 -7.03
N LEU A 39 10.43 27.00 -7.50
CA LEU A 39 9.59 28.18 -7.65
C LEU A 39 9.34 28.46 -9.13
N SER A 40 8.09 28.78 -9.47
CA SER A 40 7.73 29.07 -10.85
C SER A 40 7.86 30.56 -11.13
N ASN A 1 -17.31 -24.53 -0.34
CA ASN A 1 -16.54 -24.72 -1.59
C ASN A 1 -15.09 -24.31 -1.37
N TRP A 2 -14.16 -25.05 -1.99
CA TRP A 2 -12.74 -24.74 -1.88
C TRP A 2 -12.42 -23.42 -2.59
N LEU A 3 -12.95 -23.27 -3.81
CA LEU A 3 -12.70 -22.07 -4.59
C LEU A 3 -13.15 -20.83 -3.81
N TRP A 4 -14.24 -20.97 -3.06
CA TRP A 4 -14.76 -19.85 -2.28
C TRP A 4 -13.69 -19.33 -1.33
N TYR A 5 -13.03 -20.23 -0.62
CA TYR A 5 -11.99 -19.85 0.33
C TYR A 5 -10.78 -19.30 -0.41
N ILE A 6 -10.49 -19.85 -1.58
CA ILE A 6 -9.35 -19.41 -2.38
C ILE A 6 -9.54 -17.96 -2.80
N ARG A 7 -10.74 -17.62 -3.25
CA ARG A 7 -11.04 -16.26 -3.68
C ARG A 7 -10.88 -15.28 -2.52
N ILE A 8 -11.39 -15.66 -1.36
CA ILE A 8 -11.31 -14.81 -0.18
C ILE A 8 -9.85 -14.52 0.15
N PHE A 9 -9.03 -15.57 0.19
CA PHE A 9 -7.62 -15.40 0.50
C PHE A 9 -6.94 -14.49 -0.52
N ILE A 10 -7.30 -14.67 -1.79
CA ILE A 10 -6.72 -13.86 -2.85
C ILE A 10 -7.03 -12.38 -2.62
N ILE A 11 -8.28 -12.09 -2.28
CA ILE A 11 -8.70 -10.72 -2.04
C ILE A 11 -7.90 -10.12 -0.89
N ILE A 12 -7.72 -10.89 0.17
CA ILE A 12 -6.97 -10.43 1.34
C ILE A 12 -5.55 -10.07 0.95
N VAL A 13 -4.92 -10.92 0.14
CA VAL A 13 -3.55 -10.68 -0.30
C VAL A 13 -3.47 -9.41 -1.13
N GLY A 14 -4.42 -9.24 -2.05
CA GLY A 14 -4.44 -8.07 -2.91
C GLY A 14 -4.68 -6.81 -2.09
N SER A 15 -5.55 -6.91 -1.09
CA SER A 15 -5.85 -5.76 -0.24
C SER A 15 -4.61 -5.31 0.51
N LEU A 16 -3.84 -6.27 1.02
CA LEU A 16 -2.62 -5.95 1.76
C LEU A 16 -1.63 -5.24 0.85
N ILE A 17 -1.47 -5.75 -0.37
CA ILE A 17 -0.55 -5.15 -1.33
C ILE A 17 -0.96 -3.71 -1.65
N GLY A 18 -2.26 -3.50 -1.82
CA GLY A 18 -2.77 -2.17 -2.14
C GLY A 18 -2.41 -1.18 -1.04
N LEU A 19 -2.71 -1.55 0.21
CA LEU A 19 -2.41 -0.69 1.35
C LEU A 19 -0.94 -0.31 1.35
N ARG A 20 -0.08 -1.29 1.15
CA ARG A 20 1.36 -1.05 1.14
C ARG A 20 1.73 -0.07 0.03
N ILE A 21 1.22 -0.31 -1.16
CA ILE A 21 1.50 0.55 -2.30
C ILE A 21 1.07 1.99 -2.00
N VAL A 22 -0.13 2.14 -1.45
CA VAL A 22 -0.64 3.46 -1.12
C VAL A 22 0.28 4.16 -0.12
N PHE A 23 0.72 3.42 0.88
CA PHE A 23 1.62 3.96 1.89
C PHE A 23 2.93 4.43 1.25
N ALA A 24 3.46 3.62 0.35
CA ALA A 24 4.69 3.96 -0.33
C ALA A 24 4.53 5.24 -1.13
N VAL A 25 3.43 5.34 -1.86
CA VAL A 25 3.16 6.52 -2.67
C VAL A 25 3.15 7.78 -1.80
N LEU A 26 2.49 7.68 -0.64
CA LEU A 26 2.40 8.81 0.28
C LEU A 26 3.78 9.19 0.79
N SER A 27 4.56 8.18 1.17
CA SER A 27 5.91 8.41 1.68
C SER A 27 6.77 9.11 0.64
N LEU A 28 6.65 8.67 -0.61
CA LEU A 28 7.42 9.26 -1.69
C LEU A 28 7.02 10.72 -1.91
N VAL A 29 5.72 10.99 -1.85
CA VAL A 29 5.22 12.35 -2.03
C VAL A 29 5.72 13.26 -0.92
N ASN A 30 5.67 12.75 0.32
CA ASN A 30 6.11 13.53 1.47
C ASN A 30 7.58 13.92 1.32
N ARG A 31 8.39 12.98 0.85
CA ARG A 31 9.82 13.23 0.66
C ARG A 31 10.03 14.31 -0.40
N VAL A 32 9.33 14.19 -1.52
CA VAL A 32 9.46 15.16 -2.60
C VAL A 32 9.04 16.55 -2.13
N ARG A 33 7.96 16.60 -1.36
CA ARG A 33 7.47 17.88 -0.84
C ARG A 33 8.47 18.49 0.13
N GLN A 34 9.07 17.64 0.95
CA GLN A 34 10.05 18.11 1.93
C GLN A 34 11.03 16.99 2.28
N GLY A 35 12.31 17.22 2.05
CA GLY A 35 13.31 16.22 2.38
C GLY A 35 13.28 15.92 3.89
N TYR A 36 13.11 16.96 4.68
CA TYR A 36 13.04 16.79 6.13
C TYR A 36 11.78 17.44 6.68
N SER A 37 10.85 16.65 7.21
CA SER A 37 9.63 17.22 7.76
C SER A 37 8.98 16.42 8.91
N PRO A 38 9.70 15.83 9.86
CA PRO A 38 9.04 15.14 11.02
C PRO A 38 8.19 16.13 11.81
N LEU A 39 6.98 15.72 12.21
CA LEU A 39 6.11 16.59 12.99
C LEU A 39 5.66 15.90 14.27
N SER A 40 5.60 16.66 15.34
CA SER A 40 5.18 16.11 16.63
C SER A 40 4.87 17.24 17.62
N ASN A 1 -16.19 -25.86 -0.82
CA ASN A 1 -15.95 -24.40 -0.67
C ASN A 1 -14.46 -24.11 -0.81
N TRP A 2 -13.77 -24.94 -1.60
CA TRP A 2 -12.34 -24.76 -1.82
C TRP A 2 -12.08 -23.48 -2.61
N LEU A 3 -12.89 -23.25 -3.65
CA LEU A 3 -12.74 -22.06 -4.48
C LEU A 3 -13.17 -20.82 -3.71
N TRP A 4 -14.27 -20.93 -2.99
CA TRP A 4 -14.79 -19.82 -2.21
C TRP A 4 -13.73 -19.29 -1.25
N TYR A 5 -13.10 -20.20 -0.51
CA TYR A 5 -12.08 -19.84 0.44
C TYR A 5 -10.83 -19.32 -0.28
N ILE A 6 -10.53 -19.91 -1.44
CA ILE A 6 -9.37 -19.50 -2.21
C ILE A 6 -9.53 -18.06 -2.69
N ARG A 7 -10.74 -17.71 -3.12
CA ARG A 7 -11.02 -16.37 -3.60
C ARG A 7 -10.82 -15.35 -2.48
N ILE A 8 -11.36 -15.66 -1.31
CA ILE A 8 -11.24 -14.77 -0.16
C ILE A 8 -9.77 -14.49 0.15
N PHE A 9 -8.97 -15.56 0.20
CA PHE A 9 -7.55 -15.43 0.50
C PHE A 9 -6.87 -14.55 -0.55
N ILE A 10 -7.24 -14.75 -1.82
CA ILE A 10 -6.66 -13.98 -2.90
C ILE A 10 -6.97 -12.50 -2.73
N ILE A 11 -8.22 -12.18 -2.43
CA ILE A 11 -8.63 -10.80 -2.23
C ILE A 11 -7.89 -10.18 -1.05
N ILE A 12 -7.75 -10.96 0.03
CA ILE A 12 -7.05 -10.48 1.21
C ILE A 12 -5.63 -10.07 0.87
N VAL A 13 -4.97 -10.88 0.06
CA VAL A 13 -3.59 -10.59 -0.34
C VAL A 13 -3.53 -9.32 -1.18
N GLY A 14 -4.47 -9.18 -2.11
CA GLY A 14 -4.51 -8.01 -2.96
C GLY A 14 -4.75 -6.75 -2.15
N SER A 15 -5.62 -6.85 -1.15
CA SER A 15 -5.93 -5.70 -0.29
C SER A 15 -4.67 -5.24 0.45
N LEU A 16 -3.91 -6.20 0.97
CA LEU A 16 -2.69 -5.89 1.70
C LEU A 16 -1.67 -5.24 0.77
N ILE A 17 -1.54 -5.79 -0.44
CA ILE A 17 -0.60 -5.26 -1.42
C ILE A 17 -0.94 -3.82 -1.77
N GLY A 18 -2.23 -3.55 -1.93
CA GLY A 18 -2.69 -2.20 -2.27
C GLY A 18 -2.38 -1.23 -1.15
N LEU A 19 -2.70 -1.63 0.09
CA LEU A 19 -2.46 -0.78 1.24
C LEU A 19 -0.99 -0.36 1.30
N ARG A 20 -0.09 -1.33 1.11
CA ARG A 20 1.33 -1.06 1.14
C ARG A 20 1.71 -0.05 0.04
N ILE A 21 1.20 -0.29 -1.16
CA ILE A 21 1.49 0.60 -2.28
C ILE A 21 1.06 2.03 -1.96
N VAL A 22 -0.15 2.18 -1.44
CA VAL A 22 -0.67 3.50 -1.08
C VAL A 22 0.27 4.19 -0.11
N PHE A 23 0.71 3.46 0.91
CA PHE A 23 1.61 4.02 1.90
C PHE A 23 2.93 4.43 1.26
N ALA A 24 3.45 3.59 0.37
CA ALA A 24 4.70 3.89 -0.31
C ALA A 24 4.58 5.16 -1.14
N VAL A 25 3.45 5.31 -1.83
CA VAL A 25 3.22 6.49 -2.65
C VAL A 25 3.23 7.75 -1.79
N LEU A 26 2.56 7.67 -0.64
CA LEU A 26 2.49 8.82 0.26
C LEU A 26 3.88 9.17 0.77
N SER A 27 4.65 8.16 1.13
CA SER A 27 6.00 8.39 1.64
C SER A 27 6.88 9.04 0.56
N LEU A 28 6.73 8.57 -0.67
CA LEU A 28 7.51 9.10 -1.78
C LEU A 28 7.16 10.58 -2.02
N VAL A 29 5.87 10.89 -1.95
CA VAL A 29 5.42 12.27 -2.17
C VAL A 29 5.98 13.18 -1.08
N ASN A 30 5.94 12.71 0.17
CA ASN A 30 6.45 13.49 1.29
C ASN A 30 7.92 13.83 1.09
N ARG A 31 8.69 12.84 0.63
CA ARG A 31 10.11 13.05 0.40
C ARG A 31 10.34 14.09 -0.68
N VAL A 32 9.59 13.99 -1.77
CA VAL A 32 9.72 14.93 -2.88
C VAL A 32 9.35 16.34 -2.42
N ARG A 33 8.28 16.45 -1.65
CA ARG A 33 7.84 17.75 -1.16
C ARG A 33 8.85 18.31 -0.16
N GLN A 34 9.46 17.43 0.63
CA GLN A 34 10.44 17.85 1.62
C GLN A 34 11.73 18.28 0.94
N GLY A 35 12.07 19.55 1.10
CA GLY A 35 13.29 20.10 0.52
C GLY A 35 14.41 20.12 1.55
N TYR A 36 14.02 20.12 2.83
CA TYR A 36 15.00 20.14 3.91
C TYR A 36 14.40 19.54 5.19
N SER A 37 15.27 19.06 6.09
CA SER A 37 14.79 18.51 7.34
C SER A 37 15.05 19.50 8.50
N PRO A 38 16.31 19.84 8.79
CA PRO A 38 16.61 20.82 9.87
C PRO A 38 16.38 22.25 9.40
N LEU A 39 16.19 23.17 10.34
CA LEU A 39 15.96 24.57 9.98
C LEU A 39 17.23 25.39 10.18
N SER A 40 17.70 26.01 9.11
CA SER A 40 18.90 26.83 9.16
C SER A 40 18.61 28.16 9.85
N ASN A 1 -16.82 -23.79 -0.59
CA ASN A 1 -16.00 -24.74 -1.39
C ASN A 1 -14.55 -24.26 -1.41
N TRP A 2 -13.64 -25.16 -1.80
CA TRP A 2 -12.22 -24.82 -1.82
C TRP A 2 -11.98 -23.55 -2.63
N LEU A 3 -12.84 -23.30 -3.61
CA LEU A 3 -12.72 -22.12 -4.45
C LEU A 3 -13.15 -20.87 -3.68
N TRP A 4 -14.26 -20.99 -2.95
CA TRP A 4 -14.78 -19.86 -2.18
C TRP A 4 -13.70 -19.32 -1.25
N TYR A 5 -13.05 -20.21 -0.50
CA TYR A 5 -12.00 -19.80 0.42
C TYR A 5 -10.78 -19.30 -0.34
N ILE A 6 -10.52 -19.89 -1.50
CA ILE A 6 -9.38 -19.49 -2.32
C ILE A 6 -9.53 -18.04 -2.77
N ARG A 7 -10.75 -17.68 -3.18
CA ARG A 7 -11.01 -16.32 -3.64
C ARG A 7 -10.80 -15.32 -2.51
N ILE A 8 -11.32 -15.66 -1.33
CA ILE A 8 -11.19 -14.78 -0.17
C ILE A 8 -9.70 -14.50 0.12
N PHE A 9 -8.91 -15.57 0.15
CA PHE A 9 -7.49 -15.42 0.41
C PHE A 9 -6.83 -14.50 -0.62
N ILE A 10 -7.21 -14.68 -1.88
CA ILE A 10 -6.66 -13.85 -2.96
C ILE A 10 -6.99 -12.39 -2.72
N ILE A 11 -8.25 -12.12 -2.41
CA ILE A 11 -8.70 -10.75 -2.17
C ILE A 11 -7.92 -10.14 -1.00
N ILE A 12 -7.76 -10.92 0.06
CA ILE A 12 -7.04 -10.44 1.24
C ILE A 12 -5.62 -10.04 0.88
N VAL A 13 -4.95 -10.88 0.10
CA VAL A 13 -3.58 -10.60 -0.32
C VAL A 13 -3.53 -9.33 -1.16
N GLY A 14 -4.47 -9.19 -2.07
CA GLY A 14 -4.52 -8.01 -2.93
C GLY A 14 -4.72 -6.75 -2.09
N SER A 15 -5.59 -6.84 -1.10
CA SER A 15 -5.86 -5.70 -0.24
C SER A 15 -4.60 -5.25 0.48
N LEU A 16 -3.85 -6.21 1.01
CA LEU A 16 -2.62 -5.90 1.72
C LEU A 16 -1.62 -5.22 0.78
N ILE A 17 -1.49 -5.76 -0.43
CA ILE A 17 -0.58 -5.20 -1.41
C ILE A 17 -0.95 -3.75 -1.75
N GLY A 18 -2.24 -3.52 -1.93
CA GLY A 18 -2.73 -2.19 -2.25
C GLY A 18 -2.42 -1.21 -1.13
N LEU A 19 -2.74 -1.62 0.11
CA LEU A 19 -2.49 -0.77 1.26
C LEU A 19 -1.02 -0.35 1.31
N ARG A 20 -0.14 -1.32 1.12
CA ARG A 20 1.30 -1.04 1.15
C ARG A 20 1.67 -0.05 0.04
N ILE A 21 1.16 -0.28 -1.15
CA ILE A 21 1.44 0.60 -2.27
C ILE A 21 1.02 2.03 -1.95
N VAL A 22 -0.19 2.19 -1.43
CA VAL A 22 -0.70 3.51 -1.08
C VAL A 22 0.24 4.20 -0.10
N PHE A 23 0.70 3.45 0.89
CA PHE A 23 1.61 4.00 1.89
C PHE A 23 2.92 4.44 1.24
N ALA A 24 3.43 3.61 0.34
CA ALA A 24 4.68 3.92 -0.35
C ALA A 24 4.53 5.21 -1.15
N VAL A 25 3.41 5.35 -1.86
CA VAL A 25 3.16 6.54 -2.66
C VAL A 25 3.14 7.79 -1.77
N LEU A 26 2.46 7.68 -0.64
CA LEU A 26 2.36 8.81 0.29
C LEU A 26 3.75 9.18 0.82
N SER A 27 4.51 8.17 1.22
CA SER A 27 5.85 8.41 1.75
C SER A 27 6.72 9.10 0.71
N LEU A 28 6.61 8.66 -0.54
CA LEU A 28 7.40 9.25 -1.62
C LEU A 28 7.01 10.71 -1.83
N VAL A 29 5.71 10.98 -1.80
CA VAL A 29 5.23 12.35 -1.98
C VAL A 29 5.76 13.27 -0.88
N ASN A 30 5.71 12.78 0.35
CA ASN A 30 6.18 13.55 1.49
C ASN A 30 7.65 13.92 1.31
N ARG A 31 8.45 12.96 0.85
CA ARG A 31 9.87 13.19 0.64
C ARG A 31 10.08 14.27 -0.42
N VAL A 32 9.35 14.17 -1.52
CA VAL A 32 9.46 15.13 -2.60
C VAL A 32 9.10 16.54 -2.11
N ARG A 33 8.03 16.63 -1.33
CA ARG A 33 7.59 17.91 -0.80
C ARG A 33 8.56 18.41 0.27
N GLN A 34 9.17 17.48 0.98
CA GLN A 34 10.12 17.84 2.03
C GLN A 34 11.21 18.73 1.48
N GLY A 35 11.52 19.80 2.20
CA GLY A 35 12.55 20.75 1.77
C GLY A 35 12.24 21.31 0.39
N TYR A 36 13.24 21.30 -0.48
CA TYR A 36 13.07 21.80 -1.84
C TYR A 36 13.97 21.04 -2.80
N SER A 37 13.63 21.06 -4.09
CA SER A 37 14.42 20.36 -5.09
C SER A 37 15.70 21.14 -5.44
N PRO A 38 16.78 20.47 -5.78
CA PRO A 38 18.06 21.16 -6.15
C PRO A 38 17.87 22.11 -7.33
N LEU A 39 17.03 21.69 -8.28
CA LEU A 39 16.78 22.49 -9.48
C LEU A 39 16.19 23.85 -9.10
N SER A 40 15.23 23.85 -8.17
CA SER A 40 14.60 25.09 -7.74
C SER A 40 14.74 25.25 -6.24
N ASN A 1 -17.96 -24.68 -1.28
CA ASN A 1 -16.82 -25.11 -2.15
C ASN A 1 -15.52 -24.51 -1.61
N TRP A 2 -14.40 -25.15 -1.94
CA TRP A 2 -13.10 -24.67 -1.50
C TRP A 2 -12.71 -23.41 -2.27
N LEU A 3 -13.19 -23.31 -3.51
CA LEU A 3 -12.87 -22.15 -4.34
C LEU A 3 -13.27 -20.86 -3.63
N TRP A 4 -14.36 -20.91 -2.88
CA TRP A 4 -14.84 -19.74 -2.15
C TRP A 4 -13.76 -19.23 -1.21
N TYR A 5 -13.11 -20.14 -0.50
CA TYR A 5 -12.06 -19.77 0.44
C TYR A 5 -10.83 -19.24 -0.31
N ILE A 6 -10.55 -19.84 -1.46
CA ILE A 6 -9.42 -19.43 -2.27
C ILE A 6 -9.58 -17.98 -2.73
N ARG A 7 -10.79 -17.65 -3.17
CA ARG A 7 -11.07 -16.29 -3.63
C ARG A 7 -10.86 -15.28 -2.52
N ILE A 8 -11.38 -15.60 -1.33
CA ILE A 8 -11.25 -14.72 -0.17
C ILE A 8 -9.77 -14.45 0.13
N PHE A 9 -8.99 -15.52 0.20
CA PHE A 9 -7.57 -15.39 0.50
C PHE A 9 -6.89 -14.51 -0.55
N ILE A 10 -7.26 -14.71 -1.82
CA ILE A 10 -6.68 -13.91 -2.89
C ILE A 10 -6.99 -12.44 -2.71
N ILE A 11 -8.25 -12.14 -2.40
CA ILE A 11 -8.67 -10.75 -2.19
C ILE A 11 -7.90 -10.14 -1.03
N ILE A 12 -7.76 -10.90 0.05
CA ILE A 12 -7.03 -10.42 1.22
C ILE A 12 -5.61 -10.06 0.87
N VAL A 13 -4.94 -10.93 0.12
CA VAL A 13 -3.56 -10.69 -0.28
C VAL A 13 -3.46 -9.45 -1.15
N GLY A 14 -4.44 -9.27 -2.03
CA GLY A 14 -4.46 -8.11 -2.92
C GLY A 14 -4.64 -6.83 -2.13
N SER A 15 -5.49 -6.88 -1.11
CA SER A 15 -5.75 -5.71 -0.28
C SER A 15 -4.47 -5.26 0.43
N LEU A 16 -3.74 -6.23 0.97
CA LEU A 16 -2.50 -5.92 1.67
C LEU A 16 -1.49 -5.28 0.73
N ILE A 17 -1.37 -5.83 -0.47
CA ILE A 17 -0.44 -5.30 -1.46
C ILE A 17 -0.82 -3.87 -1.83
N GLY A 18 -2.11 -3.63 -2.02
CA GLY A 18 -2.59 -2.29 -2.37
C GLY A 18 -2.29 -1.30 -1.26
N LEU A 19 -2.61 -1.68 -0.02
CA LEU A 19 -2.37 -0.81 1.12
C LEU A 19 -0.90 -0.40 1.18
N ARG A 20 -0.01 -1.37 0.98
CA ARG A 20 1.43 -1.10 1.01
C ARG A 20 1.80 -0.07 -0.06
N ILE A 21 1.30 -0.29 -1.27
CA ILE A 21 1.59 0.61 -2.38
C ILE A 21 1.11 2.03 -2.06
N VAL A 22 -0.11 2.13 -1.54
CA VAL A 22 -0.68 3.42 -1.19
C VAL A 22 0.20 4.13 -0.16
N PHE A 23 0.64 3.38 0.85
CA PHE A 23 1.49 3.96 1.88
C PHE A 23 2.82 4.41 1.29
N ALA A 24 3.38 3.60 0.41
CA ALA A 24 4.65 3.93 -0.23
C ALA A 24 4.51 5.20 -1.06
N VAL A 25 3.41 5.31 -1.79
CA VAL A 25 3.17 6.48 -2.63
C VAL A 25 3.13 7.74 -1.78
N LEU A 26 2.46 7.67 -0.63
CA LEU A 26 2.36 8.81 0.27
C LEU A 26 3.73 9.19 0.81
N SER A 27 4.53 8.18 1.16
CA SER A 27 5.86 8.42 1.69
C SER A 27 6.72 9.15 0.66
N LEU A 28 6.62 8.73 -0.59
CA LEU A 28 7.38 9.35 -1.67
C LEU A 28 6.98 10.81 -1.86
N VAL A 29 5.68 11.07 -1.78
CA VAL A 29 5.17 12.43 -1.95
C VAL A 29 5.67 13.32 -0.82
N ASN A 30 5.63 12.81 0.40
CA ASN A 30 6.10 13.58 1.55
C ASN A 30 7.56 13.96 1.40
N ARG A 31 8.37 13.02 0.93
CA ARG A 31 9.79 13.28 0.73
C ARG A 31 10.00 14.36 -0.32
N VAL A 32 9.29 14.24 -1.44
CA VAL A 32 9.41 15.22 -2.52
C VAL A 32 9.03 16.61 -2.02
N ARG A 33 7.99 16.68 -1.20
CA ARG A 33 7.54 17.95 -0.67
C ARG A 33 8.47 18.43 0.45
N GLN A 34 9.08 17.47 1.14
CA GLN A 34 10.00 17.80 2.23
C GLN A 34 11.25 18.49 1.69
N GLY A 35 11.38 19.78 1.98
CA GLY A 35 12.53 20.55 1.52
C GLY A 35 13.72 20.34 2.45
N TYR A 36 14.84 20.98 2.12
CA TYR A 36 16.04 20.85 2.95
C TYR A 36 16.88 22.12 2.85
N SER A 37 17.76 22.30 3.83
CA SER A 37 18.64 23.47 3.87
C SER A 37 17.84 24.75 3.63
N PRO A 38 16.91 25.05 4.49
CA PRO A 38 16.06 26.28 4.37
C PRO A 38 16.77 27.53 4.87
N LEU A 39 17.80 27.96 4.14
CA LEU A 39 18.56 29.14 4.53
C LEU A 39 18.96 29.96 3.31
N SER A 40 19.37 31.20 3.54
CA SER A 40 19.78 32.08 2.45
C SER A 40 21.03 32.86 2.82
N ASN A 1 -16.64 -25.26 -3.36
CA ASN A 1 -16.61 -25.01 -1.88
C ASN A 1 -15.23 -24.49 -1.48
N TRP A 2 -14.19 -25.13 -2.02
CA TRP A 2 -12.82 -24.71 -1.73
C TRP A 2 -12.50 -23.42 -2.48
N LEU A 3 -13.01 -23.30 -3.70
CA LEU A 3 -12.76 -22.10 -4.50
C LEU A 3 -13.19 -20.85 -3.75
N TRP A 4 -14.27 -20.96 -3.00
CA TRP A 4 -14.77 -19.83 -2.22
C TRP A 4 -13.70 -19.32 -1.26
N TYR A 5 -13.07 -20.24 -0.54
CA TYR A 5 -12.03 -19.88 0.41
C TYR A 5 -10.81 -19.32 -0.32
N ILE A 6 -10.52 -19.89 -1.49
CA ILE A 6 -9.37 -19.44 -2.27
C ILE A 6 -9.56 -17.99 -2.71
N ARG A 7 -10.77 -17.67 -3.17
CA ARG A 7 -11.06 -16.32 -3.62
C ARG A 7 -10.87 -15.32 -2.49
N ILE A 8 -11.40 -15.66 -1.32
CA ILE A 8 -11.28 -14.78 -0.16
C ILE A 8 -9.81 -14.50 0.16
N PHE A 9 -9.02 -15.56 0.20
CA PHE A 9 -7.59 -15.42 0.50
C PHE A 9 -6.91 -14.53 -0.53
N ILE A 10 -7.26 -14.74 -1.80
CA ILE A 10 -6.68 -13.96 -2.87
C ILE A 10 -6.98 -12.47 -2.68
N ILE A 11 -8.23 -12.17 -2.37
CA ILE A 11 -8.64 -10.78 -2.15
C ILE A 11 -7.85 -10.17 -1.01
N ILE A 12 -7.68 -10.93 0.06
CA ILE A 12 -6.94 -10.46 1.23
C ILE A 12 -5.51 -10.08 0.84
N VAL A 13 -4.87 -10.93 0.06
CA VAL A 13 -3.50 -10.68 -0.37
C VAL A 13 -3.43 -9.42 -1.21
N GLY A 14 -4.40 -9.24 -2.09
CA GLY A 14 -4.44 -8.06 -2.95
C GLY A 14 -4.66 -6.79 -2.13
N SER A 15 -5.52 -6.89 -1.13
CA SER A 15 -5.81 -5.75 -0.27
C SER A 15 -4.55 -5.31 0.47
N LEU A 16 -3.79 -6.27 0.98
CA LEU A 16 -2.57 -5.96 1.70
C LEU A 16 -1.58 -5.24 0.80
N ILE A 17 -1.43 -5.74 -0.42
CA ILE A 17 -0.51 -5.14 -1.38
C ILE A 17 -0.94 -3.71 -1.71
N GLY A 18 -2.24 -3.52 -1.91
CA GLY A 18 -2.77 -2.20 -2.23
C GLY A 18 -2.41 -1.20 -1.13
N LEU A 19 -2.71 -1.56 0.11
CA LEU A 19 -2.41 -0.68 1.24
C LEU A 19 -0.94 -0.31 1.25
N ARG A 20 -0.08 -1.31 1.08
CA ARG A 20 1.36 -1.07 1.06
C ARG A 20 1.73 -0.07 -0.03
N ILE A 21 1.24 -0.30 -1.23
CA ILE A 21 1.52 0.58 -2.35
C ILE A 21 1.08 2.01 -2.04
N VAL A 22 -0.13 2.14 -1.51
CA VAL A 22 -0.66 3.46 -1.16
C VAL A 22 0.26 4.17 -0.17
N PHE A 23 0.70 3.42 0.84
CA PHE A 23 1.58 3.98 1.86
C PHE A 23 2.90 4.42 1.23
N ALA A 24 3.43 3.59 0.34
CA ALA A 24 4.69 3.90 -0.31
C ALA A 24 4.56 5.18 -1.14
N VAL A 25 3.44 5.31 -1.84
CA VAL A 25 3.20 6.49 -2.67
C VAL A 25 3.18 7.74 -1.82
N LEU A 26 2.52 7.65 -0.66
CA LEU A 26 2.45 8.79 0.24
C LEU A 26 3.82 9.17 0.77
N SER A 27 4.60 8.16 1.14
CA SER A 27 5.95 8.39 1.66
C SER A 27 6.80 9.13 0.63
N LEU A 28 6.68 8.72 -0.62
CA LEU A 28 7.45 9.35 -1.70
C LEU A 28 7.04 10.81 -1.87
N VAL A 29 5.73 11.07 -1.80
CA VAL A 29 5.22 12.42 -1.95
C VAL A 29 5.72 13.31 -0.82
N ASN A 30 5.71 12.78 0.40
CA ASN A 30 6.18 13.54 1.56
C ASN A 30 7.63 13.95 1.38
N ARG A 31 8.45 13.01 0.89
CA ARG A 31 9.86 13.28 0.67
C ARG A 31 10.05 14.37 -0.39
N VAL A 32 9.29 14.26 -1.48
CA VAL A 32 9.39 15.24 -2.56
C VAL A 32 9.01 16.63 -2.06
N ARG A 33 7.95 16.68 -1.25
CA ARG A 33 7.49 17.95 -0.70
C ARG A 33 8.59 18.61 0.12
N GLN A 34 9.32 17.81 0.89
CA GLN A 34 10.39 18.32 1.71
C GLN A 34 11.45 19.00 0.86
N GLY A 35 11.65 20.30 1.08
CA GLY A 35 12.64 21.06 0.32
C GLY A 35 13.83 21.46 1.19
N TYR A 36 13.98 20.79 2.34
CA TYR A 36 15.09 21.11 3.24
C TYR A 36 15.58 19.85 3.95
N SER A 37 16.80 19.93 4.49
CA SER A 37 17.39 18.80 5.19
C SER A 37 17.34 17.54 4.33
N PRO A 38 17.98 17.57 3.19
CA PRO A 38 18.01 16.40 2.26
C PRO A 38 18.88 15.25 2.79
N LEU A 39 18.56 14.04 2.35
CA LEU A 39 19.33 12.87 2.78
C LEU A 39 20.77 12.97 2.32
N SER A 40 20.97 13.47 1.11
CA SER A 40 22.31 13.62 0.55
C SER A 40 23.01 14.81 1.16
N ASN A 1 -16.49 -25.16 -2.60
CA ASN A 1 -16.20 -24.84 -1.18
C ASN A 1 -14.75 -24.40 -1.05
N TRP A 2 -13.85 -25.13 -1.68
CA TRP A 2 -12.43 -24.79 -1.64
C TRP A 2 -12.16 -23.54 -2.47
N LEU A 3 -13.01 -23.29 -3.47
CA LEU A 3 -12.84 -22.13 -4.32
C LEU A 3 -13.24 -20.85 -3.58
N TRP A 4 -14.34 -20.93 -2.82
CA TRP A 4 -14.82 -19.79 -2.08
C TRP A 4 -13.73 -19.23 -1.16
N TYR A 5 -13.08 -20.12 -0.43
CA TYR A 5 -12.01 -19.72 0.48
C TYR A 5 -10.79 -19.26 -0.29
N ILE A 6 -10.57 -19.87 -1.45
CA ILE A 6 -9.42 -19.52 -2.29
C ILE A 6 -9.55 -18.08 -2.78
N ARG A 7 -10.74 -17.72 -3.22
CA ARG A 7 -10.99 -16.36 -3.71
C ARG A 7 -10.79 -15.34 -2.59
N ILE A 8 -11.31 -15.65 -1.42
CA ILE A 8 -11.18 -14.76 -0.27
C ILE A 8 -9.70 -14.49 0.03
N PHE A 9 -8.92 -15.56 0.08
CA PHE A 9 -7.49 -15.42 0.36
C PHE A 9 -6.82 -14.54 -0.68
N ILE A 10 -7.20 -14.72 -1.94
CA ILE A 10 -6.63 -13.91 -3.02
C ILE A 10 -6.94 -12.44 -2.81
N ILE A 11 -8.19 -12.14 -2.50
CA ILE A 11 -8.61 -10.76 -2.28
C ILE A 11 -7.86 -10.16 -1.09
N ILE A 12 -7.70 -10.96 -0.04
CA ILE A 12 -7.00 -10.50 1.16
C ILE A 12 -5.57 -10.09 0.81
N VAL A 13 -4.89 -10.92 0.03
CA VAL A 13 -3.51 -10.64 -0.36
C VAL A 13 -3.44 -9.36 -1.18
N GLY A 14 -4.38 -9.21 -2.10
CA GLY A 14 -4.42 -8.02 -2.96
C GLY A 14 -4.67 -6.77 -2.11
N SER A 15 -5.56 -6.89 -1.14
CA SER A 15 -5.88 -5.76 -0.27
C SER A 15 -4.64 -5.30 0.48
N LEU A 16 -3.85 -6.26 0.96
CA LEU A 16 -2.64 -5.93 1.70
C LEU A 16 -1.63 -5.24 0.79
N ILE A 17 -1.48 -5.75 -0.43
CA ILE A 17 -0.55 -5.17 -1.39
C ILE A 17 -0.95 -3.73 -1.73
N GLY A 18 -2.24 -3.51 -1.91
CA GLY A 18 -2.75 -2.19 -2.23
C GLY A 18 -2.44 -1.20 -1.10
N LEU A 19 -2.77 -1.60 0.13
CA LEU A 19 -2.52 -0.75 1.28
C LEU A 19 -1.05 -0.35 1.34
N ARG A 20 -0.17 -1.33 1.18
CA ARG A 20 1.27 -1.08 1.22
C ARG A 20 1.67 -0.10 0.13
N ILE A 21 1.18 -0.35 -1.09
CA ILE A 21 1.50 0.52 -2.22
C ILE A 21 1.08 1.95 -1.93
N VAL A 22 -0.15 2.11 -1.42
CA VAL A 22 -0.66 3.44 -1.11
C VAL A 22 0.25 4.15 -0.12
N PHE A 23 0.68 3.43 0.90
CA PHE A 23 1.56 4.00 1.92
C PHE A 23 2.87 4.45 1.29
N ALA A 24 3.38 3.64 0.38
CA ALA A 24 4.63 3.97 -0.30
C ALA A 24 4.50 5.26 -1.10
N VAL A 25 3.37 5.41 -1.78
CA VAL A 25 3.12 6.61 -2.57
C VAL A 25 3.10 7.85 -1.69
N LEU A 26 2.45 7.73 -0.53
CA LEU A 26 2.37 8.85 0.40
C LEU A 26 3.76 9.22 0.91
N SER A 27 4.56 8.21 1.24
CA SER A 27 5.91 8.46 1.74
C SER A 27 6.76 9.14 0.68
N LEU A 28 6.60 8.70 -0.57
CA LEU A 28 7.35 9.28 -1.67
C LEU A 28 6.98 10.75 -1.87
N VAL A 29 5.69 11.04 -1.81
CA VAL A 29 5.20 12.41 -1.98
C VAL A 29 5.75 13.31 -0.87
N ASN A 30 5.74 12.79 0.35
CA ASN A 30 6.23 13.56 1.50
C ASN A 30 7.70 13.93 1.30
N ARG A 31 8.49 12.96 0.83
CA ARG A 31 9.90 13.19 0.61
C ARG A 31 10.11 14.27 -0.46
N VAL A 32 9.35 14.18 -1.55
CA VAL A 32 9.47 15.15 -2.63
C VAL A 32 9.09 16.54 -2.14
N ARG A 33 8.02 16.62 -1.36
CA ARG A 33 7.55 17.89 -0.84
C ARG A 33 8.59 18.49 0.10
N GLN A 34 9.19 17.64 0.93
CA GLN A 34 10.20 18.09 1.88
C GLN A 34 9.60 19.12 2.83
N GLY A 35 8.31 19.02 3.10
CA GLY A 35 7.68 19.98 4.01
C GLY A 35 7.96 21.41 3.56
N TYR A 36 8.47 22.23 4.48
CA TYR A 36 8.78 23.63 4.15
C TYR A 36 10.23 23.96 4.51
N SER A 37 10.86 24.75 3.65
CA SER A 37 12.25 25.17 3.87
C SER A 37 12.43 26.63 3.45
N PRO A 38 11.90 27.55 4.21
CA PRO A 38 11.98 29.00 3.90
C PRO A 38 13.42 29.50 3.76
N LEU A 39 14.15 29.53 4.85
CA LEU A 39 15.54 29.99 4.82
C LEU A 39 16.41 29.16 5.76
N SER A 40 17.52 28.66 5.24
CA SER A 40 18.42 27.85 6.05
C SER A 40 17.66 26.69 6.70
N ASN A 1 -16.47 -25.03 -2.57
CA ASN A 1 -16.06 -24.66 -1.18
C ASN A 1 -14.59 -24.25 -1.19
N TRP A 2 -13.75 -25.13 -1.72
CA TRP A 2 -12.31 -24.85 -1.77
C TRP A 2 -12.04 -23.60 -2.60
N LEU A 3 -12.84 -23.40 -3.63
CA LEU A 3 -12.68 -22.24 -4.50
C LEU A 3 -13.09 -20.95 -3.77
N TRP A 4 -14.21 -21.04 -3.04
CA TRP A 4 -14.70 -19.88 -2.29
C TRP A 4 -13.64 -19.35 -1.35
N TYR A 5 -12.99 -20.27 -0.64
CA TYR A 5 -11.94 -19.87 0.31
C TYR A 5 -10.72 -19.33 -0.43
N ILE A 6 -10.46 -19.88 -1.61
CA ILE A 6 -9.32 -19.45 -2.41
C ILE A 6 -9.49 -18.00 -2.85
N ARG A 7 -10.71 -17.65 -3.24
CA ARG A 7 -11.01 -16.29 -3.67
C ARG A 7 -10.83 -15.31 -2.53
N ILE A 8 -11.35 -15.66 -1.36
CA ILE A 8 -11.24 -14.80 -0.19
C ILE A 8 -9.78 -14.52 0.13
N PHE A 9 -8.97 -15.56 0.15
CA PHE A 9 -7.55 -15.41 0.44
C PHE A 9 -6.88 -14.48 -0.58
N ILE A 10 -7.24 -14.66 -1.85
CA ILE A 10 -6.67 -13.83 -2.91
C ILE A 10 -7.01 -12.36 -2.66
N ILE A 11 -8.27 -12.09 -2.34
CA ILE A 11 -8.72 -10.72 -2.09
C ILE A 11 -7.91 -10.10 -0.95
N ILE A 12 -7.72 -10.87 0.13
CA ILE A 12 -6.98 -10.39 1.28
C ILE A 12 -5.56 -10.01 0.87
N VAL A 13 -4.92 -10.87 0.09
CA VAL A 13 -3.56 -10.62 -0.37
C VAL A 13 -3.50 -9.34 -1.20
N GLY A 14 -4.48 -9.17 -2.08
CA GLY A 14 -4.53 -7.98 -2.92
C GLY A 14 -4.76 -6.73 -2.08
N SER A 15 -5.63 -6.84 -1.08
CA SER A 15 -5.94 -5.73 -0.20
C SER A 15 -4.68 -5.27 0.55
N LEU A 16 -3.93 -6.24 1.07
CA LEU A 16 -2.70 -5.92 1.80
C LEU A 16 -1.69 -5.24 0.89
N ILE A 17 -1.57 -5.76 -0.33
CA ILE A 17 -0.62 -5.20 -1.29
C ILE A 17 -1.01 -3.77 -1.65
N GLY A 18 -2.30 -3.53 -1.84
CA GLY A 18 -2.79 -2.20 -2.17
C GLY A 18 -2.47 -1.22 -1.05
N LEU A 19 -2.78 -1.60 0.18
CA LEU A 19 -2.52 -0.73 1.33
C LEU A 19 -1.05 -0.33 1.36
N ARG A 20 -0.16 -1.31 1.19
CA ARG A 20 1.27 -1.03 1.21
C ARG A 20 1.65 -0.05 0.11
N ILE A 21 1.13 -0.28 -1.09
CA ILE A 21 1.42 0.60 -2.22
C ILE A 21 1.01 2.03 -1.90
N VAL A 22 -0.19 2.19 -1.36
CA VAL A 22 -0.70 3.51 -1.01
C VAL A 22 0.25 4.20 -0.05
N PHE A 23 0.69 3.48 0.97
CA PHE A 23 1.60 4.04 1.96
C PHE A 23 2.91 4.46 1.30
N ALA A 24 3.40 3.63 0.39
CA ALA A 24 4.64 3.94 -0.31
C ALA A 24 4.50 5.22 -1.13
N VAL A 25 3.36 5.35 -1.81
CA VAL A 25 3.11 6.54 -2.62
C VAL A 25 3.12 7.79 -1.75
N LEU A 26 2.47 7.71 -0.59
CA LEU A 26 2.41 8.85 0.32
C LEU A 26 3.81 9.20 0.83
N SER A 27 4.58 8.18 1.18
CA SER A 27 5.94 8.40 1.67
C SER A 27 6.78 9.10 0.62
N LEU A 28 6.64 8.68 -0.64
CA LEU A 28 7.40 9.27 -1.73
C LEU A 28 7.01 10.74 -1.92
N VAL A 29 5.71 11.01 -1.85
CA VAL A 29 5.23 12.37 -2.02
C VAL A 29 5.76 13.28 -0.92
N ASN A 30 5.74 12.78 0.31
CA ASN A 30 6.24 13.55 1.45
C ASN A 30 7.71 13.91 1.25
N ARG A 31 8.49 12.95 0.79
CA ARG A 31 9.91 13.16 0.57
C ARG A 31 10.12 14.24 -0.49
N VAL A 32 9.39 14.14 -1.59
CA VAL A 32 9.50 15.10 -2.67
C VAL A 32 9.14 16.50 -2.19
N ARG A 33 8.08 16.59 -1.39
CA ARG A 33 7.63 17.86 -0.85
C ARG A 33 8.63 18.40 0.16
N GLN A 34 9.30 17.50 0.87
CA GLN A 34 10.27 17.90 1.87
C GLN A 34 9.68 18.93 2.83
N GLY A 35 8.51 18.62 3.39
CA GLY A 35 7.85 19.54 4.31
C GLY A 35 8.48 19.43 5.70
N TYR A 36 8.02 20.29 6.61
CA TYR A 36 8.54 20.29 7.98
C TYR A 36 7.47 19.83 8.97
N SER A 37 7.88 19.00 9.92
CA SER A 37 6.96 18.50 10.94
C SER A 37 5.67 17.96 10.33
N PRO A 38 5.77 16.95 9.50
CA PRO A 38 4.58 16.32 8.85
C PRO A 38 3.75 15.51 9.84
N LEU A 39 2.46 15.36 9.54
CA LEU A 39 1.56 14.59 10.42
C LEU A 39 2.03 13.15 10.55
N SER A 40 2.47 12.57 9.43
CA SER A 40 2.95 11.20 9.43
C SER A 40 4.26 11.07 8.67
N ASN A 1 -16.56 -23.89 0.38
CA ASN A 1 -15.99 -24.50 -0.86
C ASN A 1 -14.51 -24.20 -0.93
N TRP A 2 -13.77 -25.00 -1.67
CA TRP A 2 -12.33 -24.80 -1.84
C TRP A 2 -12.08 -23.52 -2.63
N LEU A 3 -12.84 -23.32 -3.69
CA LEU A 3 -12.68 -22.13 -4.54
C LEU A 3 -13.13 -20.89 -3.77
N TRP A 4 -14.23 -21.01 -3.04
CA TRP A 4 -14.75 -19.89 -2.27
C TRP A 4 -13.69 -19.33 -1.33
N TYR A 5 -13.04 -20.22 -0.59
CA TYR A 5 -12.00 -19.81 0.35
C TYR A 5 -10.77 -19.32 -0.41
N ILE A 6 -10.51 -19.93 -1.56
CA ILE A 6 -9.36 -19.54 -2.38
C ILE A 6 -9.50 -18.11 -2.86
N ARG A 7 -10.70 -17.74 -3.27
CA ARG A 7 -10.96 -16.39 -3.75
C ARG A 7 -10.76 -15.37 -2.63
N ILE A 8 -11.30 -15.68 -1.45
CA ILE A 8 -11.17 -14.78 -0.31
C ILE A 8 -9.70 -14.53 0.01
N PHE A 9 -8.91 -15.59 0.02
CA PHE A 9 -7.49 -15.48 0.31
C PHE A 9 -6.82 -14.54 -0.68
N ILE A 10 -7.15 -14.69 -1.96
CA ILE A 10 -6.58 -13.85 -3.00
C ILE A 10 -6.93 -12.39 -2.75
N ILE A 11 -8.19 -12.13 -2.44
CA ILE A 11 -8.66 -10.78 -2.18
C ILE A 11 -7.91 -10.18 -1.00
N ILE A 12 -7.76 -10.95 0.07
CA ILE A 12 -7.06 -10.49 1.25
C ILE A 12 -5.64 -10.06 0.91
N VAL A 13 -4.95 -10.90 0.14
CA VAL A 13 -3.57 -10.59 -0.25
C VAL A 13 -3.53 -9.32 -1.09
N GLY A 14 -4.49 -9.18 -2.00
CA GLY A 14 -4.54 -7.99 -2.86
C GLY A 14 -4.77 -6.75 -2.02
N SER A 15 -5.64 -6.85 -1.03
CA SER A 15 -5.93 -5.71 -0.17
C SER A 15 -4.68 -5.27 0.58
N LEU A 16 -3.92 -6.23 1.07
CA LEU A 16 -2.69 -5.92 1.80
C LEU A 16 -1.70 -5.20 0.89
N ILE A 17 -1.57 -5.69 -0.34
CA ILE A 17 -0.65 -5.09 -1.30
C ILE A 17 -1.06 -3.64 -1.60
N GLY A 18 -2.37 -3.43 -1.77
CA GLY A 18 -2.88 -2.10 -2.06
C GLY A 18 -2.51 -1.12 -0.94
N LEU A 19 -2.81 -1.51 0.29
CA LEU A 19 -2.51 -0.67 1.44
C LEU A 19 -1.03 -0.28 1.45
N ARG A 20 -0.17 -1.28 1.25
CA ARG A 20 1.27 -1.03 1.24
C ARG A 20 1.62 -0.03 0.15
N ILE A 21 1.11 -0.25 -1.06
CA ILE A 21 1.39 0.63 -2.18
C ILE A 21 0.98 2.06 -1.84
N VAL A 22 -0.22 2.22 -1.28
CA VAL A 22 -0.71 3.54 -0.92
C VAL A 22 0.25 4.23 0.04
N PHE A 23 0.69 3.49 1.06
CA PHE A 23 1.62 4.04 2.04
C PHE A 23 2.92 4.45 1.37
N ALA A 24 3.41 3.59 0.47
CA ALA A 24 4.65 3.88 -0.23
C ALA A 24 4.51 5.15 -1.07
N VAL A 25 3.38 5.29 -1.73
CA VAL A 25 3.13 6.47 -2.56
C VAL A 25 3.13 7.73 -1.71
N LEU A 26 2.47 7.67 -0.56
CA LEU A 26 2.42 8.81 0.34
C LEU A 26 3.81 9.19 0.83
N SER A 27 4.61 8.18 1.17
CA SER A 27 5.95 8.42 1.66
C SER A 27 6.79 9.12 0.59
N LEU A 28 6.62 8.68 -0.65
CA LEU A 28 7.38 9.28 -1.76
C LEU A 28 6.99 10.74 -1.95
N VAL A 29 5.70 11.02 -1.85
CA VAL A 29 5.22 12.39 -2.01
C VAL A 29 5.77 13.29 -0.92
N ASN A 30 5.77 12.79 0.32
CA ASN A 30 6.28 13.56 1.45
C ASN A 30 7.75 13.92 1.22
N ARG A 31 8.52 12.96 0.73
CA ARG A 31 9.94 13.19 0.47
C ARG A 31 10.13 14.26 -0.59
N VAL A 32 9.39 14.12 -1.69
CA VAL A 32 9.50 15.09 -2.78
C VAL A 32 9.12 16.48 -2.30
N ARG A 33 8.07 16.57 -1.50
CA ARG A 33 7.62 17.86 -0.98
C ARG A 33 8.72 18.50 -0.13
N GLN A 34 9.49 17.66 0.57
CA GLN A 34 10.56 18.16 1.42
C GLN A 34 10.02 19.19 2.42
N GLY A 35 9.16 18.73 3.33
CA GLY A 35 8.60 19.63 4.32
C GLY A 35 9.71 20.24 5.15
N TYR A 36 10.71 19.44 5.48
CA TYR A 36 11.84 19.91 6.27
C TYR A 36 13.14 19.57 5.56
N SER A 37 14.13 20.45 5.69
CA SER A 37 15.43 20.23 5.06
C SER A 37 16.53 20.37 6.11
N PRO A 38 16.56 19.47 7.05
CA PRO A 38 17.57 19.46 8.14
C PRO A 38 18.97 19.09 7.65
N LEU A 39 19.98 19.60 8.35
CA LEU A 39 21.36 19.32 7.97
C LEU A 39 21.66 17.83 8.08
N SER A 40 21.20 17.21 9.16
CA SER A 40 21.42 15.79 9.37
C SER A 40 20.10 15.03 9.29
N ASN A 1 -16.99 -25.17 -4.09
CA ASN A 1 -17.13 -24.68 -2.70
C ASN A 1 -15.78 -24.20 -2.18
N TRP A 2 -14.77 -25.05 -2.31
CA TRP A 2 -13.43 -24.72 -1.84
C TRP A 2 -12.93 -23.43 -2.46
N LEU A 3 -13.16 -23.29 -3.77
CA LEU A 3 -12.74 -22.09 -4.49
C LEU A 3 -13.18 -20.83 -3.74
N TRP A 4 -14.29 -20.95 -3.02
CA TRP A 4 -14.81 -19.81 -2.26
C TRP A 4 -13.76 -19.28 -1.29
N TYR A 5 -13.16 -20.18 -0.52
CA TYR A 5 -12.14 -19.79 0.44
C TYR A 5 -10.88 -19.29 -0.28
N ILE A 6 -10.58 -19.91 -1.42
CA ILE A 6 -9.41 -19.52 -2.20
C ILE A 6 -9.54 -18.09 -2.68
N ARG A 7 -10.73 -17.74 -3.17
CA ARG A 7 -10.98 -16.39 -3.66
C ARG A 7 -10.79 -15.37 -2.55
N ILE A 8 -11.34 -15.67 -1.37
CA ILE A 8 -11.24 -14.77 -0.23
C ILE A 8 -9.77 -14.50 0.10
N PHE A 9 -8.98 -15.56 0.15
CA PHE A 9 -7.56 -15.43 0.46
C PHE A 9 -6.88 -14.52 -0.55
N ILE A 10 -7.22 -14.69 -1.82
CA ILE A 10 -6.63 -13.89 -2.88
C ILE A 10 -6.98 -12.41 -2.67
N ILE A 11 -8.25 -12.14 -2.41
CA ILE A 11 -8.70 -10.77 -2.19
C ILE A 11 -7.97 -10.15 -1.00
N ILE A 12 -7.82 -10.92 0.06
CA ILE A 12 -7.14 -10.44 1.26
C ILE A 12 -5.69 -10.05 0.92
N VAL A 13 -5.03 -10.89 0.15
CA VAL A 13 -3.64 -10.62 -0.24
C VAL A 13 -3.56 -9.36 -1.09
N GLY A 14 -4.51 -9.19 -2.00
CA GLY A 14 -4.53 -8.02 -2.87
C GLY A 14 -4.72 -6.76 -2.05
N SER A 15 -5.57 -6.83 -1.03
CA SER A 15 -5.83 -5.68 -0.17
C SER A 15 -4.55 -5.23 0.53
N LEU A 16 -3.79 -6.20 1.03
CA LEU A 16 -2.55 -5.89 1.73
C LEU A 16 -1.55 -5.24 0.77
N ILE A 17 -1.45 -5.79 -0.44
CA ILE A 17 -0.53 -5.26 -1.44
C ILE A 17 -0.89 -3.82 -1.78
N GLY A 18 -2.19 -3.56 -1.94
CA GLY A 18 -2.65 -2.22 -2.27
C GLY A 18 -2.31 -1.24 -1.15
N LEU A 19 -2.61 -1.63 0.08
CA LEU A 19 -2.33 -0.78 1.23
C LEU A 19 -0.86 -0.37 1.25
N ARG A 20 0.02 -1.34 1.04
CA ARG A 20 1.46 -1.06 1.03
C ARG A 20 1.80 -0.05 -0.05
N ILE A 21 1.27 -0.26 -1.26
CA ILE A 21 1.53 0.63 -2.37
C ILE A 21 1.08 2.05 -2.03
N VAL A 22 -0.12 2.17 -1.49
CA VAL A 22 -0.66 3.47 -1.13
C VAL A 22 0.26 4.17 -0.13
N PHE A 23 0.72 3.42 0.86
CA PHE A 23 1.62 3.98 1.87
C PHE A 23 2.93 4.42 1.23
N ALA A 24 3.46 3.59 0.34
CA ALA A 24 4.71 3.91 -0.35
C ALA A 24 4.56 5.20 -1.16
N VAL A 25 3.45 5.31 -1.87
CA VAL A 25 3.19 6.50 -2.69
C VAL A 25 3.16 7.74 -1.81
N LEU A 26 2.51 7.63 -0.66
CA LEU A 26 2.41 8.76 0.26
C LEU A 26 3.79 9.14 0.81
N SER A 27 4.57 8.13 1.16
CA SER A 27 5.92 8.37 1.68
C SER A 27 6.76 9.12 0.66
N LEU A 28 6.66 8.71 -0.60
CA LEU A 28 7.43 9.35 -1.67
C LEU A 28 6.99 10.80 -1.84
N VAL A 29 5.69 11.04 -1.79
CA VAL A 29 5.16 12.39 -1.95
C VAL A 29 5.68 13.30 -0.84
N ASN A 30 5.66 12.79 0.39
CA ASN A 30 6.14 13.57 1.53
C ASN A 30 7.61 13.94 1.35
N ARG A 31 8.40 12.99 0.87
CA ARG A 31 9.82 13.23 0.66
C ARG A 31 10.04 14.31 -0.39
N VAL A 32 9.27 14.22 -1.48
CA VAL A 32 9.38 15.19 -2.55
C VAL A 32 8.97 16.58 -2.08
N ARG A 33 7.90 16.63 -1.29
CA ARG A 33 7.41 17.90 -0.77
C ARG A 33 8.42 18.52 0.17
N GLN A 34 9.16 17.67 0.88
CA GLN A 34 10.17 18.15 1.81
C GLN A 34 11.22 18.99 1.09
N GLY A 35 11.52 20.17 1.64
CA GLY A 35 12.52 21.03 1.04
C GLY A 35 13.92 20.58 1.44
N TYR A 36 14.94 21.17 0.82
CA TYR A 36 16.30 20.80 1.15
C TYR A 36 16.49 19.28 1.00
N SER A 37 16.25 18.77 -0.21
CA SER A 37 16.38 17.34 -0.44
C SER A 37 17.65 17.01 -1.24
N PRO A 38 18.72 16.61 -0.57
CA PRO A 38 20.00 16.25 -1.25
C PRO A 38 19.94 14.86 -1.88
N LEU A 39 21.06 14.41 -2.43
CA LEU A 39 21.11 13.10 -3.06
C LEU A 39 20.80 12.01 -2.04
N SER A 40 21.31 12.18 -0.83
CA SER A 40 21.08 11.21 0.25
C SER A 40 20.91 11.92 1.59
N ASN A 1 -16.67 -23.30 0.02
CA ASN A 1 -16.04 -24.45 -0.70
C ASN A 1 -14.55 -24.20 -0.82
N TRP A 2 -13.87 -25.04 -1.60
CA TRP A 2 -12.43 -24.90 -1.80
C TRP A 2 -12.13 -23.65 -2.64
N LEU A 3 -13.07 -23.28 -3.50
CA LEU A 3 -12.90 -22.11 -4.35
C LEU A 3 -13.29 -20.85 -3.60
N TRP A 4 -14.38 -20.93 -2.84
CA TRP A 4 -14.86 -19.78 -2.09
C TRP A 4 -13.76 -19.24 -1.18
N TYR A 5 -13.10 -20.14 -0.45
CA TYR A 5 -12.02 -19.75 0.44
C TYR A 5 -10.80 -19.30 -0.33
N ILE A 6 -10.57 -19.93 -1.49
CA ILE A 6 -9.43 -19.59 -2.32
C ILE A 6 -9.54 -18.15 -2.81
N ARG A 7 -10.74 -17.75 -3.21
CA ARG A 7 -10.96 -16.40 -3.69
C ARG A 7 -10.77 -15.38 -2.57
N ILE A 8 -11.32 -15.70 -1.41
CA ILE A 8 -11.21 -14.80 -0.25
C ILE A 8 -9.74 -14.53 0.06
N PHE A 9 -8.94 -15.59 0.11
CA PHE A 9 -7.52 -15.45 0.41
C PHE A 9 -6.84 -14.55 -0.61
N ILE A 10 -7.19 -14.74 -1.89
CA ILE A 10 -6.61 -13.94 -2.95
C ILE A 10 -6.93 -12.46 -2.74
N ILE A 11 -8.20 -12.18 -2.44
CA ILE A 11 -8.63 -10.81 -2.22
C ILE A 11 -7.89 -10.19 -1.04
N ILE A 12 -7.76 -10.95 0.04
CA ILE A 12 -7.06 -10.47 1.22
C ILE A 12 -5.63 -10.07 0.89
N VAL A 13 -4.95 -10.89 0.09
CA VAL A 13 -3.58 -10.61 -0.31
C VAL A 13 -3.51 -9.33 -1.14
N GLY A 14 -4.42 -9.20 -2.09
CA GLY A 14 -4.46 -8.03 -2.95
C GLY A 14 -4.68 -6.77 -2.13
N SER A 15 -5.55 -6.85 -1.13
CA SER A 15 -5.84 -5.71 -0.28
C SER A 15 -4.58 -5.26 0.45
N LEU A 16 -3.82 -6.22 0.98
CA LEU A 16 -2.60 -5.90 1.70
C LEU A 16 -1.59 -5.25 0.76
N ILE A 17 -1.48 -5.78 -0.45
CA ILE A 17 -0.55 -5.23 -1.43
C ILE A 17 -0.91 -3.80 -1.78
N GLY A 18 -2.20 -3.55 -1.96
CA GLY A 18 -2.68 -2.20 -2.30
C GLY A 18 -2.38 -1.24 -1.15
N LEU A 19 -2.68 -1.65 0.08
CA LEU A 19 -2.44 -0.81 1.24
C LEU A 19 -0.97 -0.38 1.30
N ARG A 20 -0.08 -1.35 1.09
CA ARG A 20 1.35 -1.07 1.13
C ARG A 20 1.72 -0.06 0.04
N ILE A 21 1.21 -0.28 -1.16
CA ILE A 21 1.49 0.62 -2.28
C ILE A 21 1.05 2.04 -1.95
N VAL A 22 -0.16 2.18 -1.43
CA VAL A 22 -0.69 3.49 -1.08
C VAL A 22 0.24 4.19 -0.09
N PHE A 23 0.71 3.44 0.91
CA PHE A 23 1.59 4.00 1.92
C PHE A 23 2.91 4.45 1.28
N ALA A 24 3.44 3.64 0.38
CA ALA A 24 4.68 3.98 -0.30
C ALA A 24 4.52 5.27 -1.10
N VAL A 25 3.39 5.39 -1.79
CA VAL A 25 3.13 6.58 -2.59
C VAL A 25 3.12 7.83 -1.70
N LEU A 26 2.45 7.74 -0.57
CA LEU A 26 2.38 8.86 0.36
C LEU A 26 3.76 9.23 0.87
N SER A 27 4.54 8.22 1.23
CA SER A 27 5.89 8.45 1.74
C SER A 27 6.75 9.16 0.69
N LEU A 28 6.62 8.72 -0.56
CA LEU A 28 7.38 9.32 -1.65
C LEU A 28 6.99 10.79 -1.85
N VAL A 29 5.68 11.05 -1.79
CA VAL A 29 5.18 12.41 -1.96
C VAL A 29 5.72 13.33 -0.86
N ASN A 30 5.69 12.84 0.38
CA ASN A 30 6.17 13.62 1.51
C ASN A 30 7.64 13.96 1.32
N ARG A 31 8.43 12.99 0.87
CA ARG A 31 9.85 13.20 0.66
C ARG A 31 10.08 14.27 -0.40
N VAL A 32 9.35 14.16 -1.52
CA VAL A 32 9.49 15.14 -2.60
C VAL A 32 9.11 16.53 -2.12
N ARG A 33 8.03 16.61 -1.35
CA ARG A 33 7.57 17.89 -0.83
C ARG A 33 8.53 18.43 0.21
N GLN A 34 9.23 17.52 0.89
CA GLN A 34 10.19 17.91 1.92
C GLN A 34 9.54 18.89 2.90
N GLY A 35 10.35 19.45 3.80
CA GLY A 35 9.83 20.38 4.79
C GLY A 35 9.43 19.66 6.09
N TYR A 36 9.39 18.32 6.03
CA TYR A 36 9.03 17.53 7.21
C TYR A 36 10.28 16.88 7.83
N SER A 37 11.40 16.99 7.13
CA SER A 37 12.68 16.41 7.56
C SER A 37 13.20 16.95 8.90
N PRO A 38 13.12 18.24 9.17
CA PRO A 38 13.68 18.82 10.44
C PRO A 38 13.30 18.02 11.69
N LEU A 39 14.29 17.77 12.56
CA LEU A 39 14.08 17.02 13.79
C LEU A 39 14.38 17.89 15.01
N SER A 40 13.76 17.57 16.15
CA SER A 40 13.99 18.33 17.37
C SER A 40 13.49 19.76 17.18
#